data_8CF6
#
_entry.id   8CF6
#
_cell.length_a   200.329
_cell.length_b   200.329
_cell.length_c   200.329
_cell.angle_alpha   90.00
_cell.angle_beta   90.00
_cell.angle_gamma   90.00
#
_symmetry.space_group_name_H-M   'F 4 3 2'
#
loop_
_entity.id
_entity.type
_entity.pdbx_description
1 polymer RSL-R5
2 non-polymer 'methyl alpha-L-fucopyranoside'
3 non-polymer cucurbit[7]uril
4 non-polymer GLYCEROL
5 water water
#
_entity_poly.entity_id   1
_entity_poly.type   'polypeptide(L)'
_entity_poly.pdbx_seq_one_letter_code
;(SNM)SVQTAATSWGTVPSIRVYTANNGRITERCWDG(MLY)GWYTGAFNEPGDNVSVTSWLVGSAIHIRVYASTGTTTT
EWCWDGNGWTRGAYTATN
;
_entity_poly.pdbx_strand_id   A,B,C
#
loop_
_chem_comp.id
_chem_comp.type
_chem_comp.name
_chem_comp.formula
GOL non-polymer GLYCEROL 'C3 H8 O3'
MFU L-saccharide 'methyl alpha-L-fucopyranoside' 'C7 H14 O5'
QQ7 non-polymer cucurbit[7]uril 'C42 H42 N28 O14'
#
# COMPACT_ATOMS: atom_id res chain seq x y z
N SNM A 1 -13.42 -4.65 13.55
CA SNM A 1 -14.51 -5.23 12.74
CB SNM A 1 -15.80 -4.44 12.90
OG SNM A 1 -16.82 -5.33 13.37
C SNM A 1 -14.16 -5.44 11.29
O SNM A 1 -13.81 -6.58 10.93
C1 SNM A 1 -13.59 -5.12 14.94
C2 SNM A 1 -12.10 -5.06 13.07
N SER A 2 -14.22 -4.39 10.45
N SER A 2 -14.23 -4.40 10.45
CA SER A 2 -13.92 -4.55 9.03
CA SER A 2 -13.91 -4.56 9.03
C SER A 2 -12.45 -4.99 8.87
C SER A 2 -12.47 -4.99 8.85
N VAL A 3 -12.24 -5.97 7.99
CA VAL A 3 -10.89 -6.44 7.73
C VAL A 3 -10.08 -5.33 7.07
N GLN A 4 -8.77 -5.50 7.10
CA GLN A 4 -7.83 -4.55 6.53
C GLN A 4 -6.96 -5.29 5.54
N THR A 5 -6.73 -4.70 4.36
CA THR A 5 -5.97 -5.39 3.32
C THR A 5 -4.76 -4.59 2.86
N ALA A 6 -3.86 -5.30 2.19
CA ALA A 6 -2.73 -4.72 1.49
C ALA A 6 -2.53 -5.52 0.21
N ALA A 7 -2.07 -4.86 -0.84
CA ALA A 7 -1.99 -5.48 -2.15
C ALA A 7 -0.68 -5.12 -2.83
N THR A 8 -0.17 -6.08 -3.61
CA THR A 8 0.99 -5.85 -4.46
C THR A 8 0.81 -6.63 -5.75
N SER A 9 1.59 -6.28 -6.76
CA SER A 9 1.48 -6.94 -8.06
C SER A 9 2.83 -6.84 -8.77
N TRP A 10 3.07 -7.72 -9.74
CA TRP A 10 4.32 -7.70 -10.50
C TRP A 10 4.10 -8.30 -11.87
N GLY A 11 4.96 -7.89 -12.81
CA GLY A 11 4.87 -8.34 -14.19
C GLY A 11 3.70 -7.69 -14.92
N THR A 12 3.34 -8.31 -16.05
CA THR A 12 2.20 -7.84 -16.82
C THR A 12 1.15 -8.90 -17.10
N VAL A 13 1.30 -10.13 -16.60
CA VAL A 13 0.13 -11.02 -16.53
C VAL A 13 -1.05 -10.31 -15.88
N PRO A 14 -0.94 -9.71 -14.69
CA PRO A 14 0.18 -9.73 -13.75
C PRO A 14 -0.05 -10.80 -12.70
N SER A 15 0.91 -11.00 -11.79
CA SER A 15 0.63 -11.65 -10.52
C SER A 15 0.18 -10.60 -9.52
N ILE A 16 -0.81 -10.96 -8.71
CA ILE A 16 -1.34 -10.09 -7.66
C ILE A 16 -1.37 -10.89 -6.37
N ARG A 17 -1.02 -10.24 -5.25
CA ARG A 17 -1.19 -10.82 -3.92
C ARG A 17 -1.97 -9.83 -3.06
N VAL A 18 -2.99 -10.32 -2.38
CA VAL A 18 -3.82 -9.52 -1.48
C VAL A 18 -3.73 -10.15 -0.11
N TYR A 19 -3.27 -9.38 0.87
CA TYR A 19 -3.14 -9.82 2.26
C TYR A 19 -4.29 -9.24 3.07
N THR A 20 -4.93 -10.06 3.91
CA THR A 20 -6.07 -9.62 4.71
C THR A 20 -5.82 -9.90 6.18
N ALA A 21 -5.88 -8.86 7.00
CA ALA A 21 -5.87 -9.02 8.46
C ALA A 21 -7.30 -9.17 8.96
N ASN A 22 -7.57 -10.27 9.66
CA ASN A 22 -8.89 -10.59 10.18
C ASN A 22 -8.71 -11.43 11.44
N ASN A 23 -9.38 -11.03 12.54
CA ASN A 23 -9.35 -11.80 13.79
C ASN A 23 -7.92 -12.08 14.25
N GLY A 24 -7.01 -11.14 14.01
CA GLY A 24 -5.64 -11.29 14.47
C GLY A 24 -4.73 -12.12 13.58
N ARG A 25 -5.21 -12.57 12.42
CA ARG A 25 -4.38 -13.34 11.48
C ARG A 25 -4.35 -12.63 10.13
N ILE A 26 -3.20 -12.70 9.47
CA ILE A 26 -3.06 -12.22 8.10
C ILE A 26 -2.98 -13.42 7.17
N THR A 27 -3.89 -13.49 6.20
CA THR A 27 -3.90 -14.54 5.19
C THR A 27 -3.70 -13.90 3.82
N GLU A 28 -3.55 -14.75 2.80
CA GLU A 28 -3.08 -14.32 1.48
C GLU A 28 -3.94 -14.95 0.40
N ARG A 29 -4.39 -14.13 -0.56
CA ARG A 29 -5.04 -14.60 -1.77
C ARG A 29 -4.21 -14.18 -2.97
N CYS A 30 -4.17 -15.04 -3.98
CA CYS A 30 -3.17 -14.97 -5.04
C CYS A 30 -3.84 -15.08 -6.39
N TRP A 31 -3.33 -14.32 -7.35
CA TRP A 31 -3.75 -14.41 -8.74
C TRP A 31 -2.52 -14.41 -9.61
N ASP A 32 -2.44 -15.37 -10.56
CA ASP A 32 -1.34 -15.39 -11.51
C ASP A 32 -1.85 -15.64 -12.93
N GLY A 33 -3.10 -15.28 -13.20
CA GLY A 33 -3.63 -15.35 -14.56
C GLY A 33 -4.70 -16.41 -14.78
N MLY A 34 -4.91 -17.27 -13.79
N MLY A 34 -4.89 -17.27 -13.79
CA MLY A 34 -5.95 -18.28 -13.91
CA MLY A 34 -5.88 -18.33 -13.87
CB MLY A 34 -5.37 -19.68 -13.74
CB MLY A 34 -5.25 -19.69 -13.55
CG MLY A 34 -4.52 -20.11 -14.94
CG MLY A 34 -4.03 -20.01 -14.43
CD MLY A 34 -3.76 -21.39 -14.65
CD MLY A 34 -3.28 -21.27 -13.97
CE MLY A 34 -4.67 -22.41 -13.99
CE MLY A 34 -4.03 -22.54 -14.34
NZ MLY A 34 -3.99 -23.60 -13.40
NZ MLY A 34 -3.33 -23.77 -13.86
CH1 MLY A 34 -2.62 -23.23 -13.00
CH1 MLY A 34 -3.17 -23.66 -12.40
CH2 MLY A 34 -3.91 -24.63 -14.45
CH2 MLY A 34 -4.26 -24.89 -14.06
C MLY A 34 -7.10 -18.00 -12.94
C MLY A 34 -7.03 -17.98 -12.92
O MLY A 34 -7.98 -17.21 -13.24
O MLY A 34 -7.84 -17.11 -13.22
N GLY A 35 -7.08 -18.63 -11.76
CA GLY A 35 -8.09 -18.33 -10.76
C GLY A 35 -7.47 -17.73 -9.52
N TRP A 36 -8.28 -17.14 -8.65
CA TRP A 36 -7.79 -16.76 -7.33
C TRP A 36 -7.63 -18.01 -6.47
N TYR A 37 -6.57 -18.03 -5.67
CA TYR A 37 -6.34 -19.17 -4.79
C TYR A 37 -5.69 -18.71 -3.50
N THR A 38 -5.78 -19.54 -2.48
CA THR A 38 -5.24 -19.18 -1.18
C THR A 38 -3.73 -19.46 -1.14
N GLY A 39 -2.97 -18.45 -0.74
CA GLY A 39 -1.53 -18.58 -0.66
C GLY A 39 -1.07 -19.17 0.65
N ALA A 40 0.23 -19.42 0.70
CA ALA A 40 0.85 -20.06 1.85
C ALA A 40 0.98 -19.14 3.05
N PHE A 41 1.00 -17.81 2.85
CA PHE A 41 1.26 -16.91 3.96
C PHE A 41 0.13 -16.93 5.00
N ASN A 42 0.48 -17.15 6.26
CA ASN A 42 -0.49 -17.04 7.36
C ASN A 42 0.29 -16.73 8.62
N GLU A 43 0.17 -15.50 9.13
CA GLU A 43 0.93 -15.06 10.29
C GLU A 43 0.07 -14.16 11.15
N PRO A 44 0.39 -14.06 12.45
CA PRO A 44 -0.35 -13.14 13.32
C PRO A 44 -0.20 -11.70 12.87
N GLY A 45 -1.28 -10.95 12.97
CA GLY A 45 -1.22 -9.52 12.74
C GLY A 45 -2.59 -8.89 12.76
N ASP A 46 -2.68 -7.66 13.30
CA ASP A 46 -3.88 -6.85 13.20
C ASP A 46 -3.79 -5.82 12.08
N ASN A 47 -2.59 -5.59 11.54
CA ASN A 47 -2.39 -4.62 10.49
C ASN A 47 -1.34 -5.17 9.54
N VAL A 48 -1.49 -4.89 8.25
CA VAL A 48 -0.57 -5.40 7.25
C VAL A 48 -0.26 -4.34 6.20
N SER A 49 1.02 -4.28 5.79
CA SER A 49 1.42 -3.59 4.57
C SER A 49 2.36 -4.50 3.79
N VAL A 50 2.57 -4.19 2.51
CA VAL A 50 3.38 -5.06 1.66
C VAL A 50 4.08 -4.24 0.60
N THR A 51 5.25 -4.72 0.18
CA THR A 51 5.92 -4.20 -1.01
C THR A 51 6.62 -5.37 -1.69
N SER A 52 6.92 -5.20 -2.98
CA SER A 52 7.59 -6.27 -3.71
C SER A 52 8.43 -5.68 -4.83
N TRP A 53 9.42 -6.44 -5.29
CA TRP A 53 10.27 -6.02 -6.39
C TRP A 53 10.77 -7.24 -7.14
N LEU A 54 11.05 -7.05 -8.43
CA LEU A 54 11.62 -8.10 -9.27
C LEU A 54 13.12 -7.92 -9.37
N VAL A 55 13.84 -9.05 -9.36
CA VAL A 55 15.21 -9.11 -9.82
C VAL A 55 15.19 -10.06 -11.00
N GLY A 56 15.31 -9.52 -12.20
CA GLY A 56 15.06 -10.33 -13.38
C GLY A 56 13.62 -10.78 -13.36
N SER A 57 13.41 -12.09 -13.37
CA SER A 57 12.09 -12.69 -13.32
C SER A 57 11.67 -13.10 -11.92
N ALA A 58 12.56 -13.01 -10.94
CA ALA A 58 12.28 -13.52 -9.59
C ALA A 58 11.66 -12.45 -8.71
N ILE A 59 10.52 -12.78 -8.09
CA ILE A 59 9.82 -11.87 -7.20
C ILE A 59 10.35 -11.98 -5.78
N HIS A 60 10.45 -10.83 -5.13
CA HIS A 60 10.77 -10.74 -3.71
C HIS A 60 9.66 -9.92 -3.07
N ILE A 61 9.08 -10.44 -1.99
CA ILE A 61 7.97 -9.80 -1.30
C ILE A 61 8.36 -9.56 0.15
N ARG A 62 7.96 -8.40 0.69
CA ARG A 62 8.11 -8.10 2.11
C ARG A 62 6.75 -7.73 2.65
N VAL A 63 6.29 -8.47 3.66
CA VAL A 63 5.03 -8.21 4.35
C VAL A 63 5.36 -7.73 5.76
N TYR A 64 4.76 -6.60 6.15
CA TYR A 64 4.97 -6.00 7.47
C TYR A 64 3.71 -6.22 8.29
N ALA A 65 3.79 -7.12 9.28
CA ALA A 65 2.66 -7.52 10.10
C ALA A 65 2.81 -6.91 11.48
N SER A 66 1.78 -6.20 11.94
CA SER A 66 1.87 -5.52 13.22
C SER A 66 0.79 -6.00 14.18
N THR A 67 1.20 -6.23 15.43
N THR A 67 1.20 -6.27 15.41
CA THR A 67 0.32 -6.52 16.55
CA THR A 67 0.30 -6.49 16.54
C THR A 67 0.78 -5.64 17.69
C THR A 67 0.79 -5.62 17.68
N GLY A 68 -0.11 -4.81 18.22
CA GLY A 68 0.33 -3.86 19.23
C GLY A 68 1.39 -2.93 18.63
N THR A 69 2.51 -2.81 19.34
CA THR A 69 3.64 -1.97 18.91
C THR A 69 4.68 -2.72 18.09
N THR A 70 4.54 -4.03 17.91
CA THR A 70 5.57 -4.84 17.28
C THR A 70 5.22 -5.11 15.82
N THR A 71 6.08 -4.67 14.91
CA THR A 71 5.98 -4.97 13.49
C THR A 71 7.02 -6.04 13.15
N THR A 72 6.55 -7.16 12.58
CA THR A 72 7.41 -8.23 12.12
C THR A 72 7.42 -8.25 10.60
N GLU A 73 8.61 -8.38 10.02
CA GLU A 73 8.77 -8.46 8.57
C GLU A 73 8.87 -9.92 8.15
N TRP A 74 8.11 -10.28 7.13
CA TRP A 74 8.15 -11.61 6.53
C TRP A 74 8.60 -11.48 5.09
N CYS A 75 9.50 -12.37 4.66
CA CYS A 75 10.23 -12.23 3.42
C CYS A 75 9.96 -13.44 2.53
N TRP A 76 9.57 -13.18 1.30
CA TRP A 76 9.54 -14.20 0.26
C TRP A 76 10.66 -13.88 -0.71
N ASP A 77 11.56 -14.85 -0.92
CA ASP A 77 12.66 -14.67 -1.86
C ASP A 77 12.78 -15.87 -2.80
N GLY A 78 11.67 -16.57 -3.06
CA GLY A 78 11.61 -17.61 -4.05
C GLY A 78 11.44 -19.01 -3.50
N ASN A 79 11.73 -19.22 -2.22
CA ASN A 79 11.68 -20.58 -1.69
C ASN A 79 10.77 -20.75 -0.47
N GLY A 80 10.34 -19.68 0.17
CA GLY A 80 9.48 -19.76 1.33
C GLY A 80 9.48 -18.43 2.04
N TRP A 81 8.62 -18.33 3.05
CA TRP A 81 8.51 -17.14 3.87
C TRP A 81 9.43 -17.26 5.08
N THR A 82 10.28 -16.27 5.27
N THR A 82 10.27 -16.27 5.28
CA THR A 82 11.24 -16.26 6.37
CA THR A 82 11.23 -16.26 6.38
C THR A 82 11.17 -14.94 7.12
C THR A 82 11.18 -14.94 7.11
N ARG A 83 11.50 -14.99 8.40
CA ARG A 83 11.49 -13.79 9.22
C ARG A 83 12.62 -12.87 8.79
N GLY A 84 12.30 -11.60 8.58
CA GLY A 84 13.28 -10.64 8.15
C GLY A 84 13.94 -9.87 9.29
N ALA A 85 14.96 -9.09 8.93
CA ALA A 85 15.77 -8.36 9.90
C ALA A 85 15.10 -7.10 10.42
N TYR A 86 13.97 -6.70 9.86
CA TYR A 86 13.34 -5.43 10.24
C TYR A 86 13.12 -5.36 11.75
N THR A 87 13.52 -4.24 12.33
CA THR A 87 13.15 -3.94 13.71
C THR A 87 12.72 -2.48 13.78
N ALA A 88 11.95 -2.17 14.82
CA ALA A 88 11.59 -0.81 15.13
C ALA A 88 11.37 -0.72 16.63
N THR A 89 11.34 0.51 17.14
CA THR A 89 11.10 0.75 18.56
C THR A 89 9.87 1.65 18.65
N ASN A 90 8.69 1.02 18.68
CA ASN A 90 7.42 1.72 18.72
C ASN A 90 6.89 1.76 20.15
N SNM B 1 -11.31 8.00 14.76
CA SNM B 1 -10.31 9.07 14.60
CB SNM B 1 -8.90 8.81 15.15
OG SNM B 1 -8.17 7.88 14.33
C SNM B 1 -10.18 9.54 13.17
O SNM B 1 -10.48 10.73 12.93
C1 SNM B 1 -12.46 8.32 13.93
C2 SNM B 1 -11.91 8.09 16.08
N SER B 2 -9.75 8.68 12.25
N SER B 2 -9.75 8.71 12.24
CA SER B 2 -9.27 9.20 10.96
CA SER B 2 -9.48 9.28 10.93
C SER B 2 -9.65 8.42 9.70
C SER B 2 -9.78 8.45 9.71
N VAL B 3 -9.69 9.15 8.57
CA VAL B 3 -9.83 8.50 7.28
C VAL B 3 -8.62 7.60 7.03
N GLN B 4 -8.80 6.66 6.11
CA GLN B 4 -7.77 5.70 5.78
C GLN B 4 -7.51 5.81 4.28
N THR B 5 -6.24 5.90 3.89
CA THR B 5 -5.90 6.11 2.48
C THR B 5 -5.05 4.97 1.92
N ALA B 6 -5.07 4.91 0.60
CA ALA B 6 -4.20 4.05 -0.18
C ALA B 6 -3.77 4.83 -1.41
N ALA B 7 -2.54 4.62 -1.86
CA ALA B 7 -1.99 5.40 -2.96
C ALA B 7 -1.25 4.50 -3.94
N THR B 8 -1.29 4.91 -5.21
CA THR B 8 -0.52 4.26 -6.26
C THR B 8 -0.08 5.33 -7.24
N SER B 9 0.94 4.99 -8.04
CA SER B 9 1.53 5.93 -8.98
C SER B 9 2.11 5.17 -10.15
N TRP B 10 2.28 5.87 -11.27
CA TRP B 10 2.86 5.24 -12.46
C TRP B 10 3.55 6.25 -13.36
N GLY B 11 4.54 5.75 -14.11
CA GLY B 11 5.25 6.56 -15.07
C GLY B 11 6.20 7.53 -14.40
N THR B 12 6.61 8.54 -15.17
CA THR B 12 7.56 9.53 -14.70
C THR B 12 7.00 10.94 -14.63
N VAL B 13 5.76 11.16 -15.07
CA VAL B 13 5.11 12.46 -14.87
C VAL B 13 5.10 12.88 -13.41
N PRO B 14 4.64 12.06 -12.45
CA PRO B 14 3.94 10.77 -12.59
C PRO B 14 2.45 11.02 -12.62
N SER B 15 1.68 9.94 -12.75
CA SER B 15 0.28 9.97 -12.35
C SER B 15 0.21 9.35 -10.96
N ILE B 16 -0.64 9.93 -10.11
CA ILE B 16 -0.86 9.44 -8.76
C ILE B 16 -2.38 9.31 -8.55
N ARG B 17 -2.79 8.25 -7.85
CA ARG B 17 -4.17 8.12 -7.42
C ARG B 17 -4.17 7.85 -5.92
N VAL B 18 -4.99 8.62 -5.17
CA VAL B 18 -5.13 8.47 -3.72
C VAL B 18 -6.59 8.15 -3.42
N TYR B 19 -6.82 7.01 -2.77
CA TYR B 19 -8.14 6.54 -2.41
C TYR B 19 -8.32 6.77 -0.92
N THR B 20 -9.46 7.34 -0.54
CA THR B 20 -9.72 7.68 0.86
C THR B 20 -11.00 7.01 1.30
N ALA B 21 -10.90 6.16 2.33
CA ALA B 21 -12.07 5.62 3.02
C ALA B 21 -12.45 6.58 4.12
N ASN B 22 -13.64 7.16 4.00
CA ASN B 22 -14.10 8.17 4.94
C ASN B 22 -15.52 7.81 5.26
N ASN B 23 -15.77 7.48 6.53
CA ASN B 23 -17.12 7.20 7.00
C ASN B 23 -17.84 6.22 6.07
N GLY B 24 -17.15 5.12 5.71
CA GLY B 24 -17.80 4.04 5.01
C GLY B 24 -17.84 4.12 3.49
N ARG B 25 -17.30 5.17 2.89
CA ARG B 25 -17.23 5.21 1.43
C ARG B 25 -15.84 5.62 1.00
N ILE B 26 -15.46 5.12 -0.19
CA ILE B 26 -14.15 5.34 -0.76
C ILE B 26 -14.28 6.23 -1.98
N THR B 27 -13.54 7.33 -1.99
CA THR B 27 -13.45 8.26 -3.09
C THR B 27 -12.00 8.38 -3.54
N GLU B 28 -11.78 9.10 -4.64
CA GLU B 28 -10.51 9.08 -5.34
C GLU B 28 -10.08 10.49 -5.73
N ARG B 29 -8.82 10.82 -5.48
CA ARG B 29 -8.23 12.06 -5.96
C ARG B 29 -7.07 11.70 -6.89
N CYS B 30 -6.86 12.53 -7.91
CA CYS B 30 -6.06 12.15 -9.08
C CYS B 30 -5.09 13.27 -9.40
N TRP B 31 -3.86 12.89 -9.73
CA TRP B 31 -2.83 13.80 -10.23
C TRP B 31 -2.26 13.22 -11.51
N ASP B 32 -2.22 14.03 -12.58
CA ASP B 32 -1.54 13.66 -13.81
C ASP B 32 -0.51 14.71 -14.19
N GLY B 33 0.04 15.40 -13.19
CA GLY B 33 1.05 16.42 -13.41
C GLY B 33 0.56 17.84 -13.56
N MLY B 34 -0.76 18.06 -13.50
CA MLY B 34 -1.33 19.37 -13.85
CB MLY B 34 -1.94 19.29 -15.26
CG MLY B 34 -1.02 18.64 -16.28
CD MLY B 34 -1.51 18.81 -17.70
CE MLY B 34 -2.84 18.14 -17.94
NZ MLY B 34 -3.29 18.38 -19.34
CH1 MLY B 34 -4.69 17.98 -19.42
CH2 MLY B 34 -2.52 17.47 -20.19
C MLY B 34 -2.36 19.88 -12.86
O MLY B 34 -3.14 20.78 -13.16
N GLY B 35 -2.35 19.30 -11.65
CA GLY B 35 -3.28 19.69 -10.61
C GLY B 35 -4.12 18.53 -10.13
N TRP B 36 -4.48 18.53 -8.85
CA TRP B 36 -5.30 17.46 -8.30
C TRP B 36 -6.75 17.63 -8.70
N TYR B 37 -7.43 16.52 -9.01
CA TYR B 37 -8.85 16.54 -9.34
C TYR B 37 -9.53 15.29 -8.81
N THR B 38 -10.85 15.32 -8.80
CA THR B 38 -11.65 14.22 -8.24
C THR B 38 -11.92 13.18 -9.31
N GLY B 39 -11.59 11.92 -9.01
CA GLY B 39 -11.77 10.84 -9.96
C GLY B 39 -13.17 10.24 -9.92
N ALA B 40 -13.43 9.36 -10.90
CA ALA B 40 -14.73 8.72 -11.05
C ALA B 40 -14.99 7.61 -10.05
N PHE B 41 -13.96 7.13 -9.34
CA PHE B 41 -14.16 5.99 -8.44
C PHE B 41 -15.01 6.40 -7.24
N ASN B 42 -16.07 5.63 -6.98
CA ASN B 42 -16.88 5.88 -5.80
C ASN B 42 -17.54 4.56 -5.42
N GLU B 43 -17.07 3.93 -4.34
CA GLU B 43 -17.58 2.63 -3.95
C GLU B 43 -17.60 2.54 -2.43
N PRO B 44 -18.52 1.76 -1.87
CA PRO B 44 -18.56 1.62 -0.42
C PRO B 44 -17.40 0.78 0.10
N GLY B 45 -16.97 1.14 1.30
CA GLY B 45 -15.91 0.41 1.97
C GLY B 45 -15.40 1.16 3.19
N ASP B 46 -15.06 0.40 4.22
CA ASP B 46 -14.40 0.94 5.40
C ASP B 46 -12.89 0.93 5.29
N ASN B 47 -12.33 0.12 4.38
CA ASN B 47 -10.90 -0.03 4.25
C ASN B 47 -10.58 -0.16 2.78
N VAL B 48 -9.43 0.34 2.37
CA VAL B 48 -9.04 0.33 0.97
C VAL B 48 -7.56 -0.01 0.84
N SER B 49 -7.24 -0.83 -0.16
CA SER B 49 -5.87 -0.99 -0.64
C SER B 49 -5.88 -0.92 -2.16
N VAL B 50 -4.70 -0.74 -2.76
CA VAL B 50 -4.61 -0.55 -4.21
C VAL B 50 -3.27 -1.06 -4.72
N THR B 51 -3.28 -1.57 -5.95
CA THR B 51 -2.06 -1.82 -6.69
C THR B 51 -2.34 -1.48 -8.15
N SER B 52 -1.28 -1.25 -8.92
CA SER B 52 -1.46 -0.93 -10.34
C SER B 52 -0.24 -1.37 -11.13
N TRP B 53 -0.42 -1.53 -12.43
CA TRP B 53 0.69 -1.85 -13.32
C TRP B 53 0.44 -1.22 -14.68
N LEU B 54 1.52 -0.90 -15.37
CA LEU B 54 1.44 -0.34 -16.71
C LEU B 54 1.64 -1.45 -17.74
N VAL B 55 0.91 -1.35 -18.84
CA VAL B 55 1.20 -2.10 -20.05
C VAL B 55 1.55 -1.05 -21.10
N GLY B 56 2.84 -0.77 -21.27
CA GLY B 56 3.22 0.37 -22.08
C GLY B 56 2.72 1.64 -21.43
N SER B 57 1.86 2.37 -22.12
CA SER B 57 1.28 3.60 -21.57
C SER B 57 -0.08 3.38 -20.91
N ALA B 58 -0.61 2.16 -20.95
CA ALA B 58 -1.96 1.90 -20.44
C ALA B 58 -1.90 1.45 -18.98
N ILE B 59 -2.57 2.19 -18.10
CA ILE B 59 -2.60 1.82 -16.68
C ILE B 59 -3.71 0.82 -16.40
N HIS B 60 -3.42 -0.11 -15.49
CA HIS B 60 -4.40 -1.02 -14.92
C HIS B 60 -4.34 -0.89 -13.42
N ILE B 61 -5.49 -0.67 -12.79
CA ILE B 61 -5.56 -0.43 -11.35
C ILE B 61 -6.50 -1.46 -10.74
N ARG B 62 -6.15 -1.96 -9.56
CA ARG B 62 -7.03 -2.84 -8.79
C ARG B 62 -7.16 -2.24 -7.40
N VAL B 63 -8.40 -1.91 -7.02
CA VAL B 63 -8.73 -1.35 -5.71
C VAL B 63 -9.51 -2.42 -4.94
N TYR B 64 -9.07 -2.69 -3.70
CA TYR B 64 -9.68 -3.70 -2.84
C TYR B 64 -10.39 -2.96 -1.71
N ALA B 65 -11.73 -3.03 -1.73
CA ALA B 65 -12.58 -2.30 -0.81
C ALA B 65 -13.22 -3.30 0.14
N SER B 66 -13.09 -3.06 1.44
CA SER B 66 -13.59 -4.02 2.42
C SER B 66 -14.61 -3.41 3.36
N THR B 67 -15.69 -4.16 3.60
CA THR B 67 -16.67 -3.88 4.63
C THR B 67 -16.93 -5.19 5.36
N GLY B 68 -16.86 -5.17 6.69
CA GLY B 68 -16.93 -6.43 7.42
C GLY B 68 -15.83 -7.35 6.94
N THR B 69 -16.19 -8.58 6.59
CA THR B 69 -15.22 -9.54 6.09
C THR B 69 -15.22 -9.67 4.57
N THR B 70 -16.01 -8.88 3.85
CA THR B 70 -16.08 -8.96 2.40
C THR B 70 -15.22 -7.91 1.73
N THR B 71 -14.27 -8.37 0.93
CA THR B 71 -13.43 -7.50 0.10
C THR B 71 -13.91 -7.61 -1.34
N THR B 72 -14.21 -6.46 -1.95
CA THR B 72 -14.62 -6.39 -3.35
C THR B 72 -13.47 -5.77 -4.14
N GLU B 73 -13.12 -6.39 -5.26
CA GLU B 73 -12.10 -5.87 -6.15
C GLU B 73 -12.76 -5.06 -7.26
N TRP B 74 -12.23 -3.85 -7.46
CA TRP B 74 -12.67 -2.94 -8.51
C TRP B 74 -11.51 -2.74 -9.47
N CYS B 75 -11.81 -2.82 -10.77
CA CYS B 75 -10.80 -2.89 -11.81
C CYS B 75 -10.92 -1.67 -12.71
N TRP B 76 -9.80 -1.00 -12.95
CA TRP B 76 -9.70 0.01 -14.01
C TRP B 76 -8.75 -0.53 -15.06
N ASP B 77 -9.24 -0.67 -16.28
CA ASP B 77 -8.43 -1.11 -17.40
C ASP B 77 -8.58 -0.15 -18.56
N GLY B 78 -8.83 1.13 -18.25
CA GLY B 78 -9.01 2.17 -19.24
C GLY B 78 -10.44 2.52 -19.53
N ASN B 79 -11.39 1.70 -19.11
CA ASN B 79 -12.73 1.71 -19.68
C ASN B 79 -13.81 1.76 -18.60
N GLY B 80 -13.52 2.44 -17.50
CA GLY B 80 -14.44 2.50 -16.38
C GLY B 80 -14.14 1.45 -15.34
N TRP B 81 -14.66 1.66 -14.15
CA TRP B 81 -14.44 0.74 -13.05
C TRP B 81 -15.41 -0.44 -13.15
N THR B 82 -14.87 -1.67 -13.11
N THR B 82 -14.86 -1.65 -13.16
CA THR B 82 -15.65 -2.88 -13.30
CA THR B 82 -15.67 -2.86 -13.25
C THR B 82 -15.32 -3.90 -12.21
C THR B 82 -15.38 -3.78 -12.07
N ARG B 83 -16.34 -4.62 -11.75
CA ARG B 83 -16.18 -5.55 -10.63
C ARG B 83 -15.26 -6.69 -11.03
N GLY B 84 -14.22 -6.94 -10.20
CA GLY B 84 -13.28 -8.01 -10.48
C GLY B 84 -13.68 -9.37 -9.91
N ALA B 85 -12.94 -10.38 -10.32
CA ALA B 85 -13.19 -11.77 -9.94
C ALA B 85 -12.71 -12.11 -8.53
N TYR B 86 -12.03 -11.22 -7.82
CA TYR B 86 -11.50 -11.55 -6.51
C TYR B 86 -12.59 -12.06 -5.57
N THR B 87 -12.30 -13.16 -4.88
CA THR B 87 -13.10 -13.62 -3.76
C THR B 87 -12.15 -14.02 -2.64
N ALA B 88 -12.68 -14.06 -1.44
CA ALA B 88 -11.96 -14.48 -0.25
C ALA B 88 -12.98 -15.01 0.73
N THR B 89 -12.59 -16.02 1.50
CA THR B 89 -13.45 -16.61 2.52
C THR B 89 -12.97 -16.15 3.88
N ASN B 90 -13.28 -14.90 4.22
CA ASN B 90 -12.94 -14.34 5.52
C ASN B 90 -14.05 -14.65 6.52
N SNM C 1 -5.44 -3.45 19.02
CA SNM C 1 -5.07 -2.04 18.75
CB SNM C 1 -5.36 -1.12 19.93
OG SNM C 1 -4.87 0.19 19.61
C SNM C 1 -3.61 -1.99 18.42
O SNM C 1 -2.76 -2.22 19.31
C1 SNM C 1 -6.75 -3.74 18.45
C2 SNM C 1 -5.46 -3.74 20.46
N SER C 2 -3.29 -1.69 17.17
CA SER C 2 -1.93 -1.80 16.69
C SER C 2 -1.44 -0.56 15.97
N VAL C 3 -0.12 -0.42 15.86
CA VAL C 3 0.43 0.56 14.93
C VAL C 3 -0.01 0.19 13.51
N GLN C 4 0.08 1.18 12.61
CA GLN C 4 -0.35 1.01 11.24
C GLN C 4 0.82 1.36 10.34
N THR C 5 1.11 0.51 9.35
CA THR C 5 2.28 0.74 8.50
C THR C 5 1.92 0.86 7.03
N ALA C 6 2.87 1.41 6.28
CA ALA C 6 2.84 1.49 4.84
C ALA C 6 4.27 1.32 4.34
N ALA C 7 4.44 0.68 3.19
CA ALA C 7 5.77 0.31 2.73
C ALA C 7 5.90 0.58 1.23
N THR C 8 7.12 0.94 0.83
CA THR C 8 7.46 1.10 -0.58
C THR C 8 8.89 0.63 -0.78
N SER C 9 9.24 0.32 -2.03
CA SER C 9 10.58 -0.15 -2.33
C SER C 9 10.92 0.24 -3.76
N TRP C 10 12.22 0.21 -4.08
CA TRP C 10 12.65 0.54 -5.44
C TRP C 10 14.00 -0.09 -5.73
N GLY C 11 14.26 -0.25 -7.03
CA GLY C 11 15.50 -0.86 -7.47
C GLY C 11 15.54 -2.35 -7.22
N THR C 12 16.76 -2.89 -7.31
CA THR C 12 16.98 -4.32 -7.14
C THR C 12 17.80 -4.68 -5.91
N VAL C 13 18.39 -3.69 -5.22
CA VAL C 13 19.10 -3.99 -3.97
C VAL C 13 18.21 -4.71 -2.96
N PRO C 14 17.01 -4.22 -2.62
CA PRO C 14 16.37 -2.95 -3.00
C PRO C 14 16.60 -1.95 -1.88
N SER C 15 16.10 -0.73 -2.08
CA SER C 15 15.81 0.14 -0.95
C SER C 15 14.36 -0.07 -0.55
N ILE C 16 14.11 -0.07 0.75
CA ILE C 16 12.77 -0.19 1.32
C ILE C 16 12.57 0.96 2.30
N ARG C 17 11.37 1.52 2.31
CA ARG C 17 10.97 2.47 3.34
C ARG C 17 9.68 1.98 3.97
N VAL C 18 9.65 1.91 5.30
CA VAL C 18 8.48 1.51 6.08
C VAL C 18 8.09 2.67 6.99
N TYR C 19 6.86 3.15 6.84
CA TYR C 19 6.31 4.24 7.64
C TYR C 19 5.37 3.65 8.67
N THR C 20 5.46 4.13 9.91
CA THR C 20 4.63 3.61 10.99
C THR C 20 3.89 4.78 11.63
N ALA C 21 2.57 4.71 11.62
CA ALA C 21 1.74 5.63 12.37
C ALA C 21 1.50 5.02 13.75
N ASN C 22 1.74 5.82 14.80
CA ASN C 22 1.70 5.32 16.16
C ASN C 22 1.33 6.50 17.04
N ASN C 23 0.16 6.45 17.65
CA ASN C 23 -0.28 7.49 18.57
C ASN C 23 -0.16 8.88 17.97
N GLY C 24 -0.55 9.01 16.70
CA GLY C 24 -0.67 10.32 16.08
C GLY C 24 0.57 10.86 15.41
N ARG C 25 1.65 10.10 15.35
CA ARG C 25 2.86 10.54 14.69
C ARG C 25 3.37 9.42 13.79
N ILE C 26 3.99 9.81 12.68
CA ILE C 26 4.49 8.88 11.67
C ILE C 26 6.00 9.01 11.62
N THR C 27 6.69 7.88 11.74
CA THR C 27 8.14 7.81 11.60
C THR C 27 8.48 6.77 10.53
N GLU C 28 9.78 6.64 10.25
CA GLU C 28 10.24 5.95 9.05
C GLU C 28 11.46 5.09 9.38
N ARG C 29 11.48 3.86 8.88
CA ARG C 29 12.63 2.97 8.97
C ARG C 29 13.05 2.64 7.55
N CYS C 30 14.36 2.52 7.32
CA CYS C 30 14.92 2.45 5.98
C CYS C 30 15.92 1.33 5.86
N TRP C 31 15.94 0.72 4.67
CA TRP C 31 16.88 -0.33 4.31
C TRP C 31 17.44 0.05 2.96
N ASP C 32 18.78 0.12 2.87
CA ASP C 32 19.44 0.32 1.59
C ASP C 32 20.40 -0.82 1.26
N GLY C 33 20.19 -1.98 1.88
CA GLY C 33 20.98 -3.17 1.60
C GLY C 33 21.99 -3.47 2.69
N MLY C 34 22.15 -2.54 3.63
CA MLY C 34 23.18 -2.67 4.66
CB MLY C 34 24.36 -1.73 4.35
CG MLY C 34 24.84 -1.76 2.90
CD MLY C 34 25.97 -0.76 2.69
CE MLY C 34 26.29 -0.57 1.23
NZ MLY C 34 27.51 0.28 1.05
CH1 MLY C 34 27.41 0.93 -0.27
CH2 MLY C 34 28.65 -0.65 0.96
C MLY C 34 22.66 -2.35 6.06
O MLY C 34 23.29 -1.56 6.78
N GLY C 35 21.54 -2.94 6.46
CA GLY C 35 21.01 -2.73 7.80
C GLY C 35 19.89 -1.70 7.87
N TRP C 36 18.96 -1.90 8.79
CA TRP C 36 17.86 -0.95 8.96
C TRP C 36 18.32 0.24 9.79
N TYR C 37 17.86 1.43 9.42
CA TYR C 37 18.19 2.65 10.15
C TYR C 37 16.98 3.56 10.16
N THR C 38 16.99 4.53 11.07
CA THR C 38 15.87 5.44 11.20
C THR C 38 16.00 6.57 10.19
N GLY C 39 14.93 6.80 9.43
CA GLY C 39 14.95 7.80 8.38
C GLY C 39 14.60 9.18 8.87
N ALA C 40 14.66 10.13 7.94
CA ALA C 40 14.40 11.54 8.25
C ALA C 40 12.92 11.86 8.36
N PHE C 41 12.02 11.04 7.80
CA PHE C 41 10.61 11.41 7.78
C PHE C 41 10.01 11.38 9.18
N ASN C 42 9.33 12.47 9.56
CA ASN C 42 8.78 12.59 10.91
C ASN C 42 7.68 13.65 10.82
N GLU C 43 6.42 13.23 10.83
CA GLU C 43 5.30 14.15 10.63
C GLU C 43 4.09 13.64 11.40
N PRO C 44 3.14 14.53 11.73
CA PRO C 44 1.89 14.07 12.37
C PRO C 44 1.06 13.19 11.47
N GLY C 45 0.34 12.26 12.10
CA GLY C 45 -0.59 11.40 11.38
C GLY C 45 -1.05 10.19 12.17
N ASP C 46 -2.34 9.92 12.07
CA ASP C 46 -2.93 8.70 12.59
C ASP C 46 -2.97 7.59 11.56
N ASN C 47 -2.86 7.90 10.28
CA ASN C 47 -2.94 6.93 9.20
C ASN C 47 -1.93 7.32 8.13
N VAL C 48 -1.32 6.33 7.50
CA VAL C 48 -0.30 6.61 6.49
C VAL C 48 -0.47 5.69 5.28
N SER C 49 -0.26 6.26 4.09
CA SER C 49 -0.02 5.47 2.88
C SER C 49 1.15 6.10 2.14
N VAL C 50 1.71 5.35 1.20
CA VAL C 50 2.93 5.78 0.50
C VAL C 50 2.93 5.19 -0.91
N THR C 51 3.52 5.95 -1.84
CA THR C 51 3.84 5.46 -3.17
C THR C 51 5.15 6.11 -3.59
N SER C 52 5.85 5.49 -4.53
CA SER C 52 7.10 6.06 -5.01
C SER C 52 7.32 5.66 -6.45
N TRP C 53 8.16 6.43 -7.14
CA TRP C 53 8.51 6.14 -8.53
C TRP C 53 9.92 6.62 -8.81
N LEU C 54 10.56 5.98 -9.78
CA LEU C 54 11.90 6.35 -10.22
C LEU C 54 11.81 7.20 -11.48
N VAL C 55 12.66 8.21 -11.56
CA VAL C 55 12.96 8.91 -12.80
C VAL C 55 14.45 8.65 -13.02
N GLY C 56 14.76 7.71 -13.90
CA GLY C 56 16.13 7.25 -14.00
C GLY C 56 16.53 6.57 -12.70
N SER C 57 17.57 7.09 -12.06
CA SER C 57 18.05 6.55 -10.80
C SER C 57 17.52 7.31 -9.59
N ALA C 58 16.75 8.38 -9.82
CA ALA C 58 16.31 9.26 -8.75
C ALA C 58 14.95 8.78 -8.22
N ILE C 59 14.88 8.52 -6.91
CA ILE C 59 13.62 8.11 -6.28
C ILE C 59 12.81 9.34 -5.91
N HIS C 60 11.50 9.25 -6.09
CA HIS C 60 10.55 10.24 -5.61
C HIS C 60 9.52 9.51 -4.75
N ILE C 61 9.29 10.02 -3.55
CA ILE C 61 8.36 9.38 -2.60
C ILE C 61 7.25 10.37 -2.28
N ARG C 62 6.03 9.86 -2.16
CA ARG C 62 4.90 10.64 -1.67
C ARG C 62 4.26 9.87 -0.52
N VAL C 63 4.18 10.53 0.64
CA VAL C 63 3.55 9.97 1.83
C VAL C 63 2.28 10.76 2.10
N TYR C 64 1.17 10.05 2.33
CA TYR C 64 -0.12 10.67 2.60
C TYR C 64 -0.44 10.40 4.08
N ALA C 65 -0.39 11.46 4.87
CA ALA C 65 -0.58 11.39 6.32
C ALA C 65 -1.94 11.99 6.67
N SER C 66 -2.76 11.25 7.40
CA SER C 66 -4.11 11.68 7.70
C SER C 66 -4.37 11.75 9.20
N THR C 67 -5.04 12.81 9.63
N THR C 67 -5.03 12.82 9.63
CA THR C 67 -5.57 12.96 10.98
CA THR C 67 -5.59 12.95 10.98
C THR C 67 -6.99 13.49 10.84
C THR C 67 -6.99 13.49 10.83
N GLY C 68 -7.95 12.83 11.48
CA GLY C 68 -9.34 13.21 11.28
C GLY C 68 -9.70 13.04 9.82
N THR C 69 -10.23 14.10 9.22
CA THR C 69 -10.59 14.09 7.81
C THR C 69 -9.56 14.80 6.94
N THR C 70 -8.41 15.17 7.48
CA THR C 70 -7.42 15.97 6.78
C THR C 70 -6.21 15.12 6.40
N THR C 71 -5.94 15.03 5.10
CA THR C 71 -4.79 14.30 4.58
C THR C 71 -3.76 15.31 4.08
N THR C 72 -2.52 15.16 4.54
CA THR C 72 -1.40 15.98 4.09
C THR C 72 -0.44 15.13 3.28
N GLU C 73 0.01 15.64 2.14
CA GLU C 73 1.01 14.96 1.32
C GLU C 73 2.40 15.49 1.62
N TRP C 74 3.37 14.59 1.78
CA TRP C 74 4.76 14.93 1.99
C TRP C 74 5.58 14.33 0.84
N CYS C 75 6.56 15.09 0.37
CA CYS C 75 7.27 14.80 -0.88
C CYS C 75 8.76 14.65 -0.62
N TRP C 76 9.34 13.56 -1.08
CA TRP C 76 10.79 13.40 -1.14
C TRP C 76 11.19 13.34 -2.61
N ASP C 77 12.09 14.24 -3.02
CA ASP C 77 12.51 14.30 -4.41
C ASP C 77 14.03 14.39 -4.52
N GLY C 78 14.75 13.82 -3.55
CA GLY C 78 16.19 13.77 -3.59
C GLY C 78 16.86 14.74 -2.64
N ASN C 79 16.11 15.66 -2.04
CA ASN C 79 16.73 16.62 -1.15
C ASN C 79 16.16 16.49 0.26
N GLY C 80 15.06 17.19 0.55
CA GLY C 80 14.39 17.05 1.82
C GLY C 80 12.93 16.69 1.62
N TRP C 81 12.24 16.50 2.74
CA TRP C 81 10.80 16.35 2.70
C TRP C 81 10.16 17.72 2.62
N THR C 82 9.19 17.86 1.72
CA THR C 82 8.47 19.11 1.54
C THR C 82 6.97 18.81 1.47
N ARG C 83 6.17 19.79 1.83
CA ARG C 83 4.73 19.65 1.81
C ARG C 83 4.25 19.73 0.37
N GLY C 84 3.45 18.74 -0.06
CA GLY C 84 2.97 18.69 -1.41
C GLY C 84 1.65 19.40 -1.60
N ALA C 85 1.22 19.48 -2.86
CA ALA C 85 0.04 20.23 -3.23
C ALA C 85 -1.28 19.48 -3.01
N TYR C 86 -1.24 18.22 -2.58
CA TYR C 86 -2.47 17.45 -2.46
C TYR C 86 -3.48 18.16 -1.57
N THR C 87 -4.73 18.18 -2.02
CA THR C 87 -5.88 18.55 -1.21
C THR C 87 -7.01 17.58 -1.47
N ALA C 88 -7.96 17.56 -0.54
CA ALA C 88 -9.16 16.75 -0.65
C ALA C 88 -10.29 17.41 0.14
N THR C 89 -11.52 16.98 -0.15
CA THR C 89 -12.74 17.46 0.48
C THR C 89 -13.35 16.32 1.27
N ASN C 90 -12.95 16.18 2.55
CA ASN C 90 -13.41 15.05 3.34
C ASN C 90 -14.40 15.44 4.45
C1 MFU D . 16.45 -9.26 3.80
C2 MFU D . 15.71 -8.88 5.08
C3 MFU D . 15.83 -7.38 5.32
C4 MFU D . 15.33 -6.61 4.11
C5 MFU D . 16.13 -7.06 2.89
C6 MFU D . 15.69 -6.41 1.60
O1 MFU D . 17.82 -9.06 4.01
O2 MFU D . 16.22 -9.62 6.19
O3 MFU D . 15.14 -7.01 6.51
O4 MFU D . 13.96 -6.90 3.87
O5 MFU D . 16.00 -8.48 2.71
CM MFU D . 18.64 -9.79 3.11
C1 MFU E . 2.93 -18.40 -4.03
C2 MFU E . 2.28 -18.17 -2.67
C3 MFU E . 3.31 -17.58 -1.70
C4 MFU E . 3.89 -16.31 -2.30
C5 MFU E . 4.54 -16.67 -3.62
C6 MFU E . 5.16 -15.49 -4.33
O1 MFU E . 3.85 -19.43 -3.90
O2 MFU E . 1.75 -19.40 -2.15
O3 MFU E . 2.74 -17.35 -0.42
O4 MFU E . 2.88 -15.34 -2.52
O5 MFU E . 3.54 -17.21 -4.51
CM MFU E . 4.30 -19.95 -5.15
N01 QQ7 F . -5.12 -25.11 -18.50
C01 QQ7 F . -5.25 -26.55 -18.54
C02 QQ7 F . -6.41 -26.82 -17.54
N02 QQ7 F . -4.14 -27.28 -17.97
N03 QQ7 F . -6.78 -25.49 -17.09
N04 QQ7 F . -5.80 -27.67 -16.54
C03 QQ7 F . -7.97 -25.19 -16.33
C04 QQ7 F . -4.32 -24.34 -19.44
C05 QQ7 F . -5.99 -24.52 -17.63
C06 QQ7 F . -6.53 -28.37 -15.50
C07 QQ7 F . -2.89 -27.53 -18.65
C08 QQ7 F . -4.47 -27.92 -16.80
O01 QQ7 F . -6.06 -23.33 -17.40
O02 QQ7 F . -3.75 -28.65 -16.15
N05 QQ7 F . -7.85 -25.41 -14.90
N06 QQ7 F . -6.85 -27.57 -14.34
C09 QQ7 F . -8.00 -26.69 -14.26
C10 QQ7 F . -7.77 -24.37 -14.01
C11 QQ7 F . -6.23 -27.73 -13.13
O03 QQ7 F . -5.25 -28.42 -12.93
N07 QQ7 F . -6.94 -27.04 -12.18
O04 QQ7 F . -7.63 -23.19 -14.30
N08 QQ7 F . -7.94 -24.88 -12.75
C12 QQ7 F . -8.06 -26.33 -12.75
C13 QQ7 F . -6.71 -27.22 -10.77
C14 QQ7 F . -8.20 -24.03 -11.61
N09 QQ7 F . -7.11 -23.93 -10.66
N10 QQ7 F . -6.08 -26.09 -10.11
N11 QQ7 F . -2.92 -24.26 -19.09
N12 QQ7 F . -1.93 -26.43 -18.56
C15 QQ7 F . -6.80 -24.91 -9.65
C16 QQ7 F . -4.80 -26.12 -9.65
C17 QQ7 F . -6.38 -22.77 -10.51
O05 QQ7 F . -3.97 -26.98 -9.92
N13 QQ7 F . -4.62 -25.07 -8.79
O06 QQ7 F . -6.46 -21.78 -11.20
N14 QQ7 F . -5.61 -22.91 -9.39
C18 QQ7 F . -5.77 -24.20 -8.75
C19 QQ7 F . -1.95 -25.27 -19.43
C20 QQ7 F . -2.34 -23.11 -18.62
C21 QQ7 F . -0.78 -26.52 -17.83
O07 QQ7 F . -0.45 -27.47 -17.14
N15 QQ7 F . 0.00 -25.45 -18.14
O08 QQ7 F . -2.93 -22.11 -18.27
N16 QQ7 F . -0.98 -23.27 -18.67
C22 QQ7 F . -0.59 -24.58 -19.14
N17 QQ7 F . 1.70 -24.35 -16.76
N18 QQ7 F . 0.70 -22.18 -17.29
C23 QQ7 F . 2.02 -24.66 -15.47
C24 QQ7 F . 1.91 -22.96 -17.07
C25 QQ7 F . 0.48 -21.28 -16.29
O09 QQ7 F . -0.45 -20.50 -16.23
N19 QQ7 F . 1.53 -21.34 -15.41
O10 QQ7 F . 1.97 -25.77 -14.97
N20 QQ7 F . 2.48 -23.52 -14.86
C26 QQ7 F . 1.75 -20.34 -14.40
C27 QQ7 F . 2.48 -22.38 -15.75
C28 QQ7 F . 3.11 -23.56 -13.56
N21 QQ7 F . 1.42 -20.76 -13.05
N22 QQ7 F . 2.34 -22.96 -12.49
C29 QQ7 F . 0.30 -20.32 -12.40
C30 QQ7 F . 2.29 -21.54 -12.20
C31 QQ7 F . 1.71 -23.71 -11.53
O11 QQ7 F . 1.59 -24.92 -11.53
N23 QQ7 F . 1.34 -22.87 -10.52
O12 QQ7 F . -0.59 -19.64 -12.88
N24 QQ7 F . 0.40 -20.68 -11.07
C32 QQ7 F . 0.95 -23.36 -9.21
C33 QQ7 F . -0.46 -20.16 -10.05
C34 QQ7 F . 1.59 -21.48 -10.82
N25 QQ7 F . -1.44 -21.10 -9.54
N26 QQ7 F . -0.47 -23.28 -8.94
C35 QQ7 F . -2.77 -21.02 -9.82
C36 QQ7 F . -1.14 -22.08 -8.50
C37 QQ7 F . -1.28 -24.38 -8.88
O13 QQ7 F . -0.97 -25.52 -9.20
N27 QQ7 F . -2.48 -24.01 -8.34
O QQ7 F . -3.28 -20.27 -10.64
N QQ7 F . -3.45 -21.85 -8.96
C38 QQ7 F . -2.55 -22.58 -8.09
C39 QQ7 F . 1.40 -25.38 -17.74
C40 QQ7 F . -0.06 -22.17 -18.51
C41 QQ7 F . -4.89 -21.79 -8.81
C QQ7 F . -3.48 -24.96 -7.91
C1 MFU G . -8.84 9.18 -13.79
C2 MFU G . -9.98 8.76 -12.85
C3 MFU G . -10.32 7.27 -12.93
C4 MFU G . -9.06 6.44 -12.93
C5 MFU G . -8.29 6.80 -14.18
C6 MFU G . -7.02 5.99 -14.35
O1 MFU G . -9.40 9.84 -14.89
O2 MFU G . -11.15 9.51 -13.15
O3 MFU G . -11.18 6.92 -11.84
O4 MFU G . -8.25 6.74 -11.79
O5 MFU G . -7.87 8.18 -14.09
CM MFU G . -8.70 9.63 -16.10
C1 MFU H . -9.20 -9.35 -13.98
C2 MFU H . -9.87 -9.49 -12.61
C3 MFU H . -9.04 -10.43 -11.75
C4 MFU H . -7.61 -9.90 -11.63
C5 MFU H . -7.03 -9.80 -13.04
C6 MFU H . -5.63 -9.24 -13.08
O1 MFU H . -9.27 -10.60 -14.62
O2 MFU H . -11.20 -9.96 -12.75
O3 MFU H . -9.63 -10.66 -10.48
O4 MFU H . -7.59 -8.60 -11.04
O5 MFU H . -7.86 -8.93 -13.83
CM MFU H . -8.87 -10.54 -15.98
N01 QQ7 I . -9.06 14.42 -21.97
N01 QQ7 I . -10.61 15.78 -21.30
C01 QQ7 I . -10.19 14.72 -22.84
C01 QQ7 I . -11.75 16.18 -22.10
C02 QQ7 I . -9.53 15.48 -24.02
C02 QQ7 I . -11.11 16.86 -23.34
N02 QQ7 I . -11.13 15.68 -22.31
N02 QQ7 I . -12.56 17.24 -21.53
N03 QQ7 I . -8.12 15.51 -23.66
N03 QQ7 I . -9.68 16.79 -23.05
N04 QQ7 I . -10.19 16.77 -24.01
N04 QQ7 I . -11.68 18.19 -23.33
C03 QQ7 I . -7.06 15.89 -24.57
C03 QQ7 I . -8.64 17.06 -24.02
C04 QQ7 I . -9.11 13.48 -20.87
C04 QQ7 I . -10.68 14.86 -20.19
C05 QQ7 I . -7.88 14.94 -22.44
C05 QQ7 I . -9.43 16.21 -21.83
C06 QQ7 I . -10.08 17.76 -25.05
C06 QQ7 I . -11.58 19.11 -24.45
C07 QQ7 I . -12.18 15.36 -21.37
C07 QQ7 I . -13.54 17.04 -20.48
C08 QQ7 I . -11.09 16.88 -22.97
C08 QQ7 I . -12.49 18.39 -22.26
O01 QQ7 I . -6.80 14.89 -21.87
O01 QQ7 I . -8.33 16.08 -21.33
O02 QQ7 I . -11.73 17.87 -22.70
O02 QQ7 I . -13.08 19.44 -22.00
N05 QQ7 I . -6.83 17.31 -24.67
N05 QQ7 I . -8.35 18.46 -24.22
N06 QQ7 I . -8.90 18.59 -24.99
N06 QQ7 I . -10.34 19.85 -24.50
C09 QQ7 I . -7.61 18.19 -25.52
C09 QQ7 I . -9.12 19.34 -25.09
C10 QQ7 I . -5.75 17.93 -24.12
C10 QQ7 I . -7.17 19.02 -23.83
C11 QQ7 I . -8.93 19.90 -24.60
C11 QQ7 I . -10.25 21.18 -24.20
O03 QQ7 I . -9.86 20.46 -24.05
O03 QQ7 I . -11.14 21.84 -23.70
N07 QQ7 I . -7.74 20.48 -24.95
N07 QQ7 I . -9.04 21.64 -24.62
O04 QQ7 I . -4.98 17.44 -23.32
O04 QQ7 I . -6.36 18.52 -23.06
N08 QQ7 I . -5.68 19.20 -24.63
N08 QQ7 I . -7.05 20.25 -24.43
C12 QQ7 I . -6.80 19.52 -25.49
C12 QQ7 I . -8.23 20.60 -25.20
C13 QQ7 I . -7.54 21.92 -24.97
C13 QQ7 I . -8.72 23.06 -24.64
C14 QQ7 I . -4.51 20.04 -24.46
C14 QQ7 I . -5.81 20.99 -24.45
N09 QQ7 I . -4.69 21.14 -23.53
N09 QQ7 I . -5.77 22.10 -23.50
N10 QQ7 I . -6.73 22.43 -23.90
N10 QQ7 I . -7.79 23.49 -23.62
N11 QQ7 I . -9.68 14.01 -19.65
N11 QQ7 I . -11.07 15.46 -18.94
N12 QQ7 I . -11.74 15.29 -19.98
N12 QQ7 I . -13.00 16.97 -19.14
C15 QQ7 I . -5.29 22.42 -23.88
C15 QQ7 I . -6.34 23.40 -23.75
C16 QQ7 I . -7.26 23.17 -22.87
C16 QQ7 I . -8.17 24.20 -22.52
C17 QQ7 I . -4.13 21.15 -22.28
C17 QQ7 I . -5.04 22.05 -22.35
O05 QQ7 I . -8.44 23.33 -22.64
O05 QQ7 I . -9.32 24.45 -22.19
N13 QQ7 I . -6.22 23.73 -22.17
N13 QQ7 I . -7.04 24.68 -21.90
O06 QQ7 I . -3.63 20.19 -21.71
O06 QQ7 I . -4.50 21.07 -21.88
N14 QQ7 I . -4.19 22.42 -21.80
N14 QQ7 I . -5.02 23.32 -21.81
C18 QQ7 I . -4.93 23.31 -22.67
C18 QQ7 I . -5.82 24.26 -22.56
C19 QQ7 I . -11.09 14.13 -19.39
C19 QQ7 I . -12.44 15.76 -18.55
C20 QQ7 I . -8.92 14.25 -18.53
C20 QQ7 I . -10.19 15.64 -17.90
C21 QQ7 I . -12.08 16.23 -19.06
C21 QQ7 I . -13.18 17.95 -18.21
O07 QQ7 I . -12.54 17.34 -19.30
O07 QQ7 I . -13.68 19.04 -18.43
N15 QQ7 I . -11.82 15.73 -17.82
N15 QQ7 I . -12.81 17.48 -16.99
O08 QQ7 I . -7.70 14.26 -18.48
O08 QQ7 I . -8.98 15.53 -17.97
N16 QQ7 I . -9.77 14.46 -17.48
N16 QQ7 I . -10.90 15.95 -16.77
C22 QQ7 I . -11.16 14.44 -17.87
C22 QQ7 I . -12.32 16.11 -17.05
N17 QQ7 I . -11.33 17.11 -15.89
N17 QQ7 I . -11.91 18.80 -15.14
N18 QQ7 I . -9.25 15.87 -15.55
N18 QQ7 I . -10.04 17.25 -14.91
C23 QQ7 I . -11.30 18.48 -15.92
C23 QQ7 I . -11.69 20.15 -15.15
C24 QQ7 I . -10.37 16.55 -14.94
C24 QQ7 I . -11.01 18.10 -14.25
C25 QQ7 I . -8.08 16.56 -15.41
C25 QQ7 I . -8.76 17.75 -14.83
O09 QQ7 I . -7.00 16.25 -15.88
O09 QQ7 I . -7.77 17.24 -15.31
N19 QQ7 I . -8.32 17.66 -14.62
N19 QQ7 I . -8.80 18.90 -14.08
O10 QQ7 I . -11.98 19.18 -16.63
O10 QQ7 I . -12.28 20.97 -15.84
N20 QQ7 I . -10.39 18.91 -14.97
N20 QQ7 I . -10.70 20.43 -14.25
C26 QQ7 I . -7.25 18.42 -14.01
C26 QQ7 I . -7.60 19.58 -13.65
C27 QQ7 I . -9.72 17.80 -14.31
C27 QQ7 I . -10.14 19.23 -13.65
C28 QQ7 I . -10.31 20.29 -14.56
C28 QQ7 I . -10.45 21.77 -13.76
N21 QQ7 I . -7.04 19.74 -14.59
N21 QQ7 I . -7.36 20.85 -14.28
N22 QQ7 I . -9.11 20.97 -14.99
N22 QQ7 I . -9.26 22.38 -14.30
C29 QQ7 I . -5.98 20.03 -15.41
C29 QQ7 I . -6.48 21.02 -15.31
C30 QQ7 I . -7.84 20.91 -14.30
C30 QQ7 I . -7.91 22.11 -13.83
C31 QQ7 I . -9.07 21.84 -16.05
C31 QQ7 I . -9.29 23.34 -15.28
O11 QQ7 I . -9.89 21.92 -16.95
O11 QQ7 I . -10.25 23.66 -15.95
N23 QQ7 I . -7.95 22.62 -15.91
N23 QQ7 I . -8.04 23.90 -15.36
O12 QQ7 I . -5.23 19.21 -15.92
O12 QQ7 I . -6.05 20.15 -16.05
N24 QQ7 I . -5.87 21.39 -15.51
N24 QQ7 I . -6.15 22.35 -15.37
C32 QQ7 I . -7.78 23.89 -16.56
C32 QQ7 I . -7.77 25.13 -16.08
C33 QQ7 I . -4.70 22.06 -16.00
C33 QQ7 I . -4.95 22.83 -16.00
C34 QQ7 I . -7.02 22.07 -14.94
C34 QQ7 I . -7.05 23.17 -14.59
N25 QQ7 I . -4.83 22.62 -17.33
N25 QQ7 I . -5.15 23.45 -17.30
N26 QQ7 I . -6.90 23.88 -17.71
N26 QQ7 I . -7.10 24.94 -17.34
C35 QQ7 I . -4.19 22.09 -18.42
C35 QQ7 I . -4.68 22.89 -18.45
C36 QQ7 I . -5.45 23.90 -17.62
C36 QQ7 I . -5.67 24.79 -17.50
C37 QQ7 I . -7.35 24.06 -18.99
C37 QQ7 I . -7.74 25.07 -18.54
O13 QQ7 I . -8.52 24.04 -19.33
O13 QQ7 I . -8.94 25.09 -18.71
N27 QQ7 I . -6.27 24.28 -19.80
N27 QQ7 I . -6.79 25.20 -19.53
O QQ7 I . -3.64 21.00 -18.45
O QQ7 I . -4.24 21.76 -18.57
N QQ7 I . -4.24 23.00 -19.44
N QQ7 I . -4.78 23.83 -19.45
C38 QQ7 I . -5.01 24.18 -19.10
C38 QQ7 I . -5.45 25.04 -19.01
C39 QQ7 I . -12.32 16.34 -16.60
C39 QQ7 I . -13.08 18.19 -15.76
C40 QQ7 I . -9.31 14.53 -16.10
C40 QQ7 I . -10.32 15.93 -15.45
C41 QQ7 I . -3.44 22.87 -20.63
C41 QQ7 I . -4.13 23.68 -20.74
C QQ7 I . -6.41 24.76 -21.17
C QQ7 I . -7.10 25.69 -20.86
C1 GOL J . -11.52 4.90 7.74
O1 GOL J . -10.67 4.68 8.84
C2 GOL J . -12.84 4.15 8.03
O2 GOL J . -12.66 2.79 8.22
C3 GOL J . -13.82 4.50 6.90
O3 GOL J . -15.11 4.25 7.42
C1 MFU K . 4.50 17.71 -6.55
C2 MFU K . 3.39 17.75 -5.51
C3 MFU K . 2.12 17.22 -6.13
C4 MFU K . 2.34 15.80 -6.65
C5 MFU K . 3.46 15.85 -7.67
C6 MFU K . 3.84 14.49 -8.21
O1 MFU K . 4.18 18.60 -7.58
O2 MFU K . 3.21 19.09 -5.05
O3 MFU K . 1.03 17.28 -5.20
O4 MFU K . 2.73 14.93 -5.59
O5 MFU K . 4.65 16.40 -7.06
CM MFU K . 5.13 18.63 -8.62
C1 MFU L . 16.85 8.59 3.28
C2 MFU L . 15.80 8.90 4.33
C3 MFU L . 14.74 9.83 3.75
C4 MFU L . 14.14 9.21 2.50
C5 MFU L . 15.27 8.96 1.50
C6 MFU L . 14.81 8.29 0.23
O1 MFU L . 17.54 9.77 3.00
O2 MFU L . 16.42 9.49 5.49
O3 MFU L . 13.72 10.13 4.70
O4 MFU L . 13.49 7.98 2.80
O5 MFU L . 16.24 8.07 2.11
CM MFU L . 18.83 9.55 2.43
#